data_9RIU
#
_entry.id   9RIU
#
_cell.length_a   104.150
_cell.length_b   104.090
_cell.length_c   79.340
_cell.angle_alpha   90.000
_cell.angle_beta   90.000
_cell.angle_gamma   90.000
#
_symmetry.space_group_name_H-M   'C 2 2 21'
#
loop_
_entity.id
_entity.type
_entity.pdbx_description
1 polymer 'Variable Domain of Heavy-Chain only Antibody (VHH)'
2 polymer 'Short neurotoxin 1'
3 non-polymer 'NICKEL (II) ION'
4 water water
#
loop_
_entity_poly.entity_id
_entity_poly.type
_entity_poly.pdbx_seq_one_letter_code
_entity_poly.pdbx_strand_id
1 'polypeptide(L)'
;QVQLQESGGGLVRPGGSLRLSCAVSGVSESIFANYVVGWFRQQDSGTGRDLVAQSSSDDEYNHVSGSVKGRFTISRDNAK
NTVSLQMDNLKPEDTAIYICAAAIGPGDNYIYWGQGTQVTVSSENLYFQ
;
A,C
2 'polypeptide(L)' LECHNQQSSQPPTTKTCPGETNCYKKVWRDHRGTIIERGCGCPTVKPGIKLNCCTTDKCNN B,D
#
loop_
_chem_comp.id
_chem_comp.type
_chem_comp.name
_chem_comp.formula
NI non-polymer 'NICKEL (II) ION' 'Ni 2'
#
# COMPACT_ATOMS: atom_id res chain seq x y z
N GLN A 1 1.07 30.04 19.25
CA GLN A 1 1.97 29.05 18.58
C GLN A 1 1.47 27.63 18.77
N VAL A 2 1.62 26.81 17.73
CA VAL A 2 1.23 25.41 17.82
C VAL A 2 2.22 24.67 18.70
N GLN A 3 1.70 23.92 19.65
CA GLN A 3 2.46 23.05 20.53
C GLN A 3 1.57 21.85 20.84
N LEU A 4 2.22 20.68 20.84
CA LEU A 4 1.60 19.38 20.89
C LEU A 4 1.76 18.80 22.31
N GLN A 5 0.65 18.43 22.96
CA GLN A 5 0.67 17.85 24.30
C GLN A 5 0.18 16.40 24.23
N GLU A 6 0.99 15.47 24.71
CA GLU A 6 0.62 14.06 24.72
C GLU A 6 0.10 13.66 26.10
N SER A 7 -0.56 12.50 26.15
CA SER A 7 -1.15 12.01 27.38
C SER A 7 -1.51 10.55 27.24
N GLY A 8 -1.27 9.78 28.29
CA GLY A 8 -1.74 8.41 28.35
C GLY A 8 -0.68 7.34 28.54
N GLY A 9 0.57 7.74 28.76
CA GLY A 9 1.63 6.78 28.93
C GLY A 9 1.52 6.00 30.23
N GLY A 10 2.37 4.99 30.35
CA GLY A 10 2.44 4.20 31.57
C GLY A 10 2.85 2.77 31.28
N LEU A 11 2.60 1.92 32.28
CA LEU A 11 2.92 0.50 32.23
C LEU A 11 1.64 -0.29 32.00
N VAL A 12 1.68 -1.18 31.01
CA VAL A 12 0.58 -2.07 30.67
C VAL A 12 1.08 -3.50 30.76
N ARG A 13 0.25 -4.37 31.33
CA ARG A 13 0.58 -5.79 31.33
C ARG A 13 0.40 -6.37 29.93
N PRO A 14 1.22 -7.36 29.56
CA PRO A 14 1.09 -7.96 28.22
C PRO A 14 -0.33 -8.39 27.93
N GLY A 15 -0.82 -8.02 26.75
CA GLY A 15 -2.17 -8.31 26.34
C GLY A 15 -3.18 -7.23 26.67
N GLY A 16 -2.81 -6.27 27.50
CA GLY A 16 -3.70 -5.17 27.83
C GLY A 16 -3.75 -4.13 26.72
N SER A 17 -4.46 -3.04 27.01
CA SER A 17 -4.64 -1.95 26.06
C SER A 17 -4.43 -0.63 26.77
N LEU A 18 -4.34 0.43 25.97
CA LEU A 18 -4.00 1.76 26.49
C LEU A 18 -4.11 2.77 25.38
N ARG A 19 -4.66 3.95 25.66
CA ARG A 19 -4.97 4.97 24.67
C ARG A 19 -4.12 6.20 24.91
N LEU A 20 -3.21 6.48 23.99
CA LEU A 20 -2.49 7.75 23.98
C LEU A 20 -3.32 8.79 23.24
N SER A 21 -3.05 10.06 23.53
CA SER A 21 -3.75 11.13 22.84
C SER A 21 -2.84 12.35 22.75
N CYS A 22 -3.00 13.09 21.67
CA CYS A 22 -2.16 14.24 21.37
C CYS A 22 -3.04 15.41 21.00
N ALA A 23 -2.99 16.46 21.80
CA ALA A 23 -3.79 17.67 21.61
C ALA A 23 -2.89 18.77 21.04
N VAL A 24 -3.28 19.28 19.87
CA VAL A 24 -2.52 20.34 19.20
C VAL A 24 -2.96 21.68 19.78
N SER A 25 -2.26 22.16 20.81
CA SER A 25 -2.46 23.53 21.24
C SER A 25 -2.08 24.47 20.11
N GLY A 26 -2.33 25.76 20.31
CA GLY A 26 -2.28 26.67 19.19
C GLY A 26 -3.35 26.28 18.18
N VAL A 27 -3.44 26.98 17.06
CA VAL A 27 -4.57 26.84 16.14
C VAL A 27 -5.84 26.73 17.00
N SER A 28 -5.89 27.50 18.09
CA SER A 28 -7.02 27.43 19.01
C SER A 28 -8.33 27.80 18.33
N GLU A 29 -8.27 28.41 17.14
CA GLU A 29 -9.46 28.56 16.32
C GLU A 29 -10.11 27.21 16.01
N SER A 30 -9.37 26.11 16.20
CA SER A 30 -9.87 24.77 15.91
C SER A 30 -10.05 24.58 14.41
N ILE A 31 -9.19 25.22 13.62
CA ILE A 31 -9.20 25.01 12.17
C ILE A 31 -7.87 24.37 11.78
N PHE A 32 -7.52 23.31 12.49
CA PHE A 32 -6.33 22.51 12.20
C PHE A 32 -6.69 21.22 11.46
N ALA A 33 -7.92 21.12 10.95
CA ALA A 33 -8.49 19.87 10.49
C ALA A 33 -7.46 18.98 9.81
N ASN A 34 -6.64 19.58 8.96
CA ASN A 34 -5.83 18.82 8.03
C ASN A 34 -4.37 18.70 8.42
N TYR A 35 -4.00 19.18 9.60
CA TYR A 35 -2.72 18.79 10.18
C TYR A 35 -2.56 17.28 10.05
N VAL A 36 -1.57 16.85 9.28
CA VAL A 36 -1.29 15.42 9.21
C VAL A 36 -0.59 15.08 10.52
N VAL A 37 -1.34 14.52 11.46
CA VAL A 37 -0.84 14.25 12.80
C VAL A 37 -0.33 12.81 12.83
N GLY A 38 0.95 12.66 13.14
CA GLY A 38 1.60 11.37 13.14
C GLY A 38 1.97 10.91 14.54
N TRP A 39 1.95 9.61 14.73
CA TRP A 39 2.42 8.94 15.93
C TRP A 39 3.65 8.12 15.54
N PHE A 40 4.78 8.41 16.20
CA PHE A 40 6.04 7.72 15.99
C PHE A 40 6.43 6.97 17.26
N ARG A 41 7.11 5.84 17.09
CA ARG A 41 7.59 5.03 18.19
C ARG A 41 9.12 5.01 18.16
N GLN A 42 9.74 5.41 19.27
CA GLN A 42 11.19 5.39 19.44
C GLN A 42 11.52 4.33 20.47
N GLN A 43 12.20 3.27 20.03
CA GLN A 43 12.61 2.17 20.90
C GLN A 43 14.04 2.35 21.41
N ASP A 44 14.43 3.59 21.74
CA ASP A 44 15.75 3.88 22.30
C ASP A 44 16.81 3.52 21.26
N SER A 45 17.99 3.07 21.71
CA SER A 45 19.09 2.76 20.82
C SER A 45 18.63 2.07 19.55
N GLY A 46 17.77 1.07 19.69
CA GLY A 46 17.19 0.50 18.50
C GLY A 46 16.27 1.34 17.75
N THR A 47 16.72 1.75 16.57
CA THR A 47 15.92 2.59 15.68
C THR A 47 15.72 3.99 16.26
N GLY A 48 15.53 4.98 15.37
CA GLY A 48 15.15 6.31 15.80
C GLY A 48 13.66 6.42 16.06
N ARG A 49 12.97 7.25 15.29
CA ARG A 49 11.52 7.45 15.42
C ARG A 49 10.83 6.75 14.27
N ASP A 50 10.10 5.68 14.57
CA ASP A 50 9.38 4.90 13.58
C ASP A 50 7.94 5.40 13.48
N LEU A 51 7.51 5.75 12.26
CA LEU A 51 6.13 6.13 12.06
C LEU A 51 5.24 4.90 12.27
N VAL A 52 4.37 4.97 13.26
CA VAL A 52 3.43 3.90 13.55
C VAL A 52 2.04 4.22 13.00
N ALA A 53 1.65 5.49 13.04
CA ALA A 53 0.34 5.83 12.50
C ALA A 53 0.37 7.26 11.97
N GLN A 54 -0.43 7.50 10.94
CA GLN A 54 -0.54 8.83 10.35
C GLN A 54 -2.02 9.12 10.11
N SER A 55 -2.43 10.32 10.52
CA SER A 55 -3.83 10.71 10.52
C SER A 55 -4.00 11.96 9.67
N SER A 56 -4.80 11.86 8.61
CA SER A 56 -5.12 13.01 7.77
C SER A 56 -6.55 12.87 7.26
N SER A 57 -7.10 14.00 6.81
CA SER A 57 -8.36 13.97 6.10
C SER A 57 -8.21 13.27 4.76
N ASP A 58 -7.05 13.43 4.13
CA ASP A 58 -6.74 12.85 2.84
C ASP A 58 -6.47 11.36 3.01
N ASP A 59 -7.26 10.52 2.34
CA ASP A 59 -7.14 9.08 2.51
C ASP A 59 -5.70 8.61 2.39
N GLU A 60 -5.03 8.97 1.29
CA GLU A 60 -3.67 8.47 1.08
C GLU A 60 -2.72 8.85 2.20
N TYR A 61 -3.05 9.87 2.99
CA TYR A 61 -2.24 10.30 4.11
C TYR A 61 -2.91 10.00 5.45
N ASN A 62 -3.71 8.94 5.49
CA ASN A 62 -4.38 8.50 6.72
C ASN A 62 -4.33 6.97 6.73
N HIS A 63 -3.40 6.41 7.50
CA HIS A 63 -3.20 4.97 7.51
C HIS A 63 -2.41 4.57 8.75
N VAL A 64 -2.23 3.27 8.93
CA VAL A 64 -1.44 2.70 10.00
C VAL A 64 -0.37 1.81 9.39
N SER A 65 0.75 1.69 10.08
CA SER A 65 1.82 0.81 9.62
C SER A 65 1.36 -0.64 9.69
N GLY A 66 1.78 -1.43 8.72
CA GLY A 66 1.38 -2.83 8.68
C GLY A 66 1.80 -3.62 9.90
N SER A 67 2.86 -3.19 10.58
CA SER A 67 3.34 -3.97 11.73
C SER A 67 2.27 -4.08 12.79
N VAL A 68 1.61 -2.96 13.10
CA VAL A 68 0.61 -2.90 14.14
C VAL A 68 -0.82 -2.98 13.60
N LYS A 69 -0.98 -3.16 12.29
CA LYS A 69 -2.31 -3.22 11.69
C LYS A 69 -3.17 -4.24 12.41
N GLY A 70 -4.40 -3.83 12.73
CA GLY A 70 -5.33 -4.68 13.44
C GLY A 70 -5.30 -4.54 14.95
N ARG A 71 -4.20 -4.08 15.52
CA ARG A 71 -4.08 -3.88 16.96
C ARG A 71 -4.20 -2.42 17.36
N PHE A 72 -3.62 -1.50 16.59
CA PHE A 72 -3.68 -0.08 16.88
C PHE A 72 -4.74 0.59 16.00
N THR A 73 -5.36 1.63 16.54
CA THR A 73 -6.36 2.38 15.81
C THR A 73 -6.30 3.84 16.20
N ILE A 74 -6.42 4.72 15.22
CA ILE A 74 -6.35 6.17 15.46
C ILE A 74 -7.77 6.73 15.40
N SER A 75 -7.99 7.76 16.21
CA SER A 75 -9.26 8.48 16.26
C SER A 75 -8.95 9.97 16.27
N ARG A 76 -9.96 10.77 15.91
CA ARG A 76 -9.78 12.20 15.82
C ARG A 76 -11.01 12.94 16.29
N ASP A 77 -10.80 13.93 17.15
CA ASP A 77 -11.82 14.90 17.54
C ASP A 77 -11.28 16.26 17.09
N ASN A 78 -11.43 16.53 15.79
CA ASN A 78 -10.95 17.78 15.23
C ASN A 78 -11.53 18.98 15.96
N ALA A 79 -12.77 18.88 16.44
CA ALA A 79 -13.40 19.99 17.16
C ALA A 79 -12.68 20.24 18.48
N LYS A 80 -12.48 19.20 19.27
CA LYS A 80 -11.77 19.31 20.54
C LYS A 80 -10.25 19.38 20.36
N ASN A 81 -9.77 19.22 19.12
CA ASN A 81 -8.35 19.26 18.82
C ASN A 81 -7.60 18.13 19.55
N THR A 82 -7.96 16.89 19.20
CA THR A 82 -7.23 15.75 19.73
C THR A 82 -7.11 14.66 18.67
N VAL A 83 -5.98 13.97 18.70
CA VAL A 83 -5.71 12.81 17.84
C VAL A 83 -5.28 11.69 18.77
N SER A 84 -6.12 10.67 18.90
CA SER A 84 -5.88 9.58 19.84
C SER A 84 -5.38 8.34 19.10
N LEU A 85 -4.56 7.56 19.81
CA LEU A 85 -4.01 6.30 19.31
C LEU A 85 -4.34 5.24 20.37
N GLN A 86 -5.32 4.39 20.08
CA GLN A 86 -5.69 3.30 20.97
C GLN A 86 -4.89 2.07 20.59
N MET A 87 -4.28 1.43 21.60
CA MET A 87 -3.39 0.30 21.40
C MET A 87 -3.96 -0.89 22.15
N ASP A 88 -4.36 -1.93 21.42
CA ASP A 88 -4.91 -3.15 22.00
C ASP A 88 -3.95 -4.31 21.80
N ASN A 89 -4.14 -5.35 22.59
CA ASN A 89 -3.28 -6.52 22.57
C ASN A 89 -1.81 -6.12 22.61
N LEU A 90 -1.48 -5.25 23.56
CA LEU A 90 -0.13 -4.72 23.66
C LEU A 90 0.86 -5.83 24.00
N LYS A 91 1.91 -5.93 23.19
CA LYS A 91 2.97 -6.90 23.40
C LYS A 91 4.20 -6.23 24.00
N PRO A 92 5.05 -6.98 24.70
CA PRO A 92 6.32 -6.40 25.18
C PRO A 92 7.12 -5.70 24.09
N GLU A 93 7.07 -6.19 22.85
CA GLU A 93 7.80 -5.56 21.77
C GLU A 93 7.31 -4.15 21.46
N ASP A 94 6.18 -3.74 22.01
CA ASP A 94 5.65 -2.40 21.82
C ASP A 94 6.17 -1.40 22.87
N THR A 95 7.03 -1.85 23.77
CA THR A 95 7.61 -0.94 24.75
C THR A 95 8.48 0.09 24.05
N ALA A 96 8.18 1.37 24.25
CA ALA A 96 8.88 2.44 23.54
C ALA A 96 8.34 3.77 24.00
N ILE A 97 8.97 4.85 23.54
CA ILE A 97 8.46 6.20 23.73
C ILE A 97 7.66 6.57 22.49
N TYR A 98 6.40 6.94 22.67
CA TYR A 98 5.55 7.33 21.56
C TYR A 98 5.43 8.85 21.54
N ILE A 99 5.73 9.42 20.37
CA ILE A 99 5.83 10.87 20.20
C ILE A 99 4.81 11.29 19.15
N CYS A 100 4.25 12.46 19.33
CA CYS A 100 3.29 13.03 18.41
C CYS A 100 3.95 14.12 17.58
N ALA A 101 3.51 14.24 16.32
CA ALA A 101 4.05 15.25 15.42
C ALA A 101 2.92 15.73 14.52
N ALA A 102 3.06 16.94 13.99
CA ALA A 102 2.02 17.52 13.15
C ALA A 102 2.62 18.24 11.96
N ALA A 103 2.13 17.92 10.76
CA ALA A 103 2.51 18.65 9.56
C ALA A 103 1.38 19.59 9.16
N ILE A 104 1.76 20.76 8.64
CA ILE A 104 0.78 21.80 8.34
C ILE A 104 -0.25 21.31 7.33
N GLY A 105 0.15 20.41 6.43
CA GLY A 105 -0.77 19.91 5.44
C GLY A 105 -0.30 18.63 4.78
N PRO A 106 -1.22 17.94 4.09
CA PRO A 106 -0.88 16.67 3.44
C PRO A 106 0.25 16.84 2.45
N GLY A 107 1.34 16.09 2.66
CA GLY A 107 2.51 16.15 1.83
C GLY A 107 3.62 17.04 2.37
N ASP A 108 3.29 17.94 3.29
CA ASP A 108 4.30 18.78 3.92
C ASP A 108 5.00 18.03 5.05
N ASN A 109 6.13 18.58 5.48
CA ASN A 109 6.96 17.91 6.48
C ASN A 109 6.41 18.08 7.89
N TYR A 110 6.67 17.08 8.72
CA TYR A 110 6.37 17.16 10.15
C TYR A 110 7.30 18.20 10.76
N ILE A 111 6.80 19.43 10.93
CA ILE A 111 7.58 20.50 11.52
C ILE A 111 7.29 20.69 13.01
N TYR A 112 6.18 20.15 13.50
CA TYR A 112 5.83 20.23 14.91
C TYR A 112 6.10 18.88 15.57
N TRP A 113 6.53 18.94 16.83
CA TRP A 113 7.01 17.75 17.52
C TRP A 113 6.56 17.77 18.97
N GLY A 114 6.34 16.57 19.51
CA GLY A 114 5.80 16.42 20.84
C GLY A 114 6.80 16.03 21.90
N GLN A 115 6.31 16.04 23.14
CA GLN A 115 7.14 15.81 24.31
C GLN A 115 7.59 14.35 24.40
N GLY A 116 6.66 13.43 24.20
CA GLY A 116 6.91 12.01 24.26
C GLY A 116 6.29 11.40 25.49
N THR A 117 5.82 10.16 25.35
CA THR A 117 5.21 9.43 26.47
C THR A 117 5.68 7.98 26.44
N GLN A 118 6.11 7.47 27.58
CA GLN A 118 6.63 6.11 27.63
C GLN A 118 5.49 5.11 27.77
N VAL A 119 5.61 4.00 27.05
CA VAL A 119 4.70 2.87 27.17
C VAL A 119 5.56 1.64 27.43
N THR A 120 5.29 0.93 28.52
CA THR A 120 6.09 -0.22 28.93
C THR A 120 5.19 -1.43 29.07
N VAL A 121 5.50 -2.50 28.33
CA VAL A 121 4.77 -3.77 28.41
C VAL A 121 5.78 -4.84 28.78
N SER A 122 5.59 -5.45 29.96
CA SER A 122 6.60 -6.37 30.46
C SER A 122 6.07 -7.46 31.37
N SER A 123 5.10 -7.12 32.22
CA SER A 123 4.56 -8.00 33.25
C SER A 123 5.48 -8.13 34.46
N GLU A 124 6.63 -7.47 34.46
CA GLU A 124 7.59 -7.60 35.55
C GLU A 124 7.26 -6.62 36.67
N ASN A 125 7.83 -6.89 37.84
CA ASN A 125 7.63 -6.02 39.00
C ASN A 125 8.11 -4.61 38.69
N LEU A 126 7.33 -3.63 39.11
CA LEU A 126 7.75 -2.23 39.13
C LEU A 126 8.04 -1.86 40.58
N TYR A 127 9.25 -1.38 40.84
CA TYR A 127 9.64 -0.94 42.17
C TYR A 127 9.54 0.57 42.31
N LEU B 1 21.45 21.04 8.89
CA LEU B 1 21.77 19.66 9.34
C LEU B 1 22.29 18.84 8.15
N GLU B 2 22.84 17.66 8.43
CA GLU B 2 23.41 16.79 7.42
C GLU B 2 22.65 15.48 7.36
N CYS B 3 22.31 15.02 6.17
CA CYS B 3 21.64 13.71 6.08
C CYS B 3 21.92 13.03 4.76
N HIS B 4 21.84 11.71 4.79
CA HIS B 4 22.05 10.91 3.59
C HIS B 4 20.91 11.11 2.60
N ASN B 5 21.18 10.73 1.34
CA ASN B 5 20.20 10.87 0.28
C ASN B 5 20.31 9.78 -0.78
N GLN B 6 21.37 8.99 -0.73
CA GLN B 6 21.52 7.89 -1.67
C GLN B 6 20.27 7.00 -1.67
N GLN B 7 20.01 6.37 -2.81
CA GLN B 7 18.85 5.53 -3.01
C GLN B 7 19.23 4.08 -2.79
N SER B 8 18.52 3.42 -1.88
CA SER B 8 18.68 1.98 -1.61
C SER B 8 20.14 1.73 -1.27
N SER B 9 20.81 0.74 -1.86
CA SER B 9 22.17 0.37 -1.49
C SER B 9 23.22 0.95 -2.45
N GLN B 10 23.03 2.17 -2.95
CA GLN B 10 24.12 2.86 -3.63
C GLN B 10 25.06 3.46 -2.57
N PRO B 11 26.29 3.85 -2.98
CA PRO B 11 27.27 4.21 -1.97
C PRO B 11 26.80 5.39 -1.14
N PRO B 12 27.14 5.43 0.14
CA PRO B 12 26.62 6.51 1.00
C PRO B 12 27.01 7.87 0.48
N THR B 13 26.01 8.72 0.24
CA THR B 13 26.21 10.11 -0.15
C THR B 13 25.53 11.01 0.87
N THR B 14 25.86 12.29 0.82
CA THR B 14 25.38 13.26 1.79
C THR B 14 24.70 14.43 1.10
N LYS B 15 23.80 15.07 1.83
CA LYS B 15 23.13 16.30 1.41
C LYS B 15 23.01 17.15 2.66
N THR B 16 23.45 18.40 2.56
CA THR B 16 23.44 19.33 3.69
C THR B 16 22.23 20.24 3.55
N CYS B 17 21.36 20.23 4.55
CA CYS B 17 20.15 21.06 4.56
C CYS B 17 20.19 21.92 5.81
N PRO B 18 20.66 23.17 5.70
CA PRO B 18 20.73 24.02 6.90
C PRO B 18 19.38 24.18 7.56
N GLY B 19 19.37 24.08 8.89
CA GLY B 19 18.20 24.33 9.70
C GLY B 19 17.28 23.14 9.90
N GLU B 20 17.26 22.20 8.97
CA GLU B 20 16.32 21.07 9.04
C GLU B 20 16.77 20.11 10.14
N THR B 21 16.01 20.06 11.23
CA THR B 21 16.42 19.32 12.42
C THR B 21 16.03 17.85 12.40
N ASN B 22 15.28 17.42 11.40
CA ASN B 22 14.86 16.02 11.29
C ASN B 22 15.24 15.50 9.92
N CYS B 23 15.27 14.18 9.79
CA CYS B 23 15.59 13.50 8.55
C CYS B 23 14.69 12.30 8.38
N TYR B 24 14.71 11.71 7.19
CA TYR B 24 13.79 10.63 6.89
C TYR B 24 14.46 9.53 6.07
N LYS B 25 13.95 8.32 6.29
CA LYS B 25 14.28 7.14 5.49
C LYS B 25 12.96 6.46 5.18
N LYS B 26 12.56 6.49 3.91
CA LYS B 26 11.33 5.87 3.44
C LYS B 26 11.67 4.58 2.71
N VAL B 27 10.86 3.54 2.93
CA VAL B 27 11.04 2.25 2.28
C VAL B 27 9.71 1.77 1.74
N TRP B 28 9.66 1.45 0.45
CA TRP B 28 8.52 0.77 -0.13
C TRP B 28 9.03 -0.38 -0.99
N ARG B 29 8.20 -1.41 -1.14
CA ARG B 29 8.68 -2.63 -1.77
C ARG B 29 8.63 -2.53 -3.30
N ASP B 30 7.44 -2.26 -3.84
CA ASP B 30 7.31 -2.06 -5.29
C ASP B 30 7.62 -3.34 -6.05
N HIS B 31 7.46 -3.30 -7.38
CA HIS B 31 7.74 -4.49 -8.19
C HIS B 31 9.23 -4.83 -8.18
N ARG B 32 10.10 -3.82 -8.11
CA ARG B 32 11.53 -3.99 -8.33
C ARG B 32 12.32 -4.10 -7.03
N GLY B 33 11.80 -4.84 -6.05
CA GLY B 33 12.52 -5.06 -4.81
C GLY B 33 12.47 -3.86 -3.88
N THR B 34 12.97 -4.08 -2.65
CA THR B 34 12.89 -3.05 -1.63
C THR B 34 13.59 -1.77 -2.07
N ILE B 35 12.82 -0.74 -2.32
CA ILE B 35 13.35 0.57 -2.66
C ILE B 35 13.40 1.42 -1.39
N ILE B 36 14.43 2.25 -1.29
CA ILE B 36 14.71 3.07 -0.13
C ILE B 36 15.06 4.46 -0.64
N GLU B 37 14.44 5.48 -0.05
CA GLU B 37 14.71 6.88 -0.38
C GLU B 37 14.98 7.63 0.92
N ARG B 38 16.17 8.19 1.04
CA ARG B 38 16.57 8.93 2.22
C ARG B 38 16.67 10.41 1.90
N GLY B 39 16.43 11.25 2.89
CA GLY B 39 16.57 12.66 2.67
C GLY B 39 16.38 13.49 3.92
N CYS B 40 16.20 14.78 3.69
CA CYS B 40 16.13 15.77 4.76
C CYS B 40 14.70 15.96 5.23
N GLY B 41 14.56 16.35 6.50
CA GLY B 41 13.26 16.61 7.07
C GLY B 41 12.51 15.34 7.41
N CYS B 42 11.32 15.54 7.98
CA CYS B 42 10.44 14.45 8.37
C CYS B 42 9.13 14.60 7.60
N PRO B 43 8.94 13.86 6.51
CA PRO B 43 7.78 14.12 5.65
C PRO B 43 6.57 13.28 5.97
N THR B 44 5.40 13.91 5.83
CA THR B 44 4.19 13.14 5.72
C THR B 44 4.27 12.22 4.52
N VAL B 45 3.57 11.06 4.67
CA VAL B 45 3.78 9.91 3.79
C VAL B 45 2.44 9.26 3.42
N LYS B 46 2.39 8.79 2.18
CA LYS B 46 1.24 8.15 1.54
C LYS B 46 1.10 6.76 2.17
N PRO B 47 0.17 5.92 1.71
CA PRO B 47 -0.05 4.66 2.42
C PRO B 47 0.94 3.57 2.02
N GLY B 48 1.34 2.77 2.99
CA GLY B 48 2.15 1.61 2.72
C GLY B 48 3.62 1.90 2.55
N ILE B 49 4.15 2.88 3.28
CA ILE B 49 5.55 3.26 3.20
C ILE B 49 6.12 3.24 4.61
N LYS B 50 7.22 2.52 4.79
CA LYS B 50 7.93 2.48 6.06
C LYS B 50 8.71 3.78 6.21
N LEU B 51 8.18 4.70 7.01
CA LEU B 51 8.85 5.96 7.30
C LEU B 51 9.60 5.84 8.62
N ASN B 52 10.81 6.39 8.66
CA ASN B 52 11.56 6.50 9.90
C ASN B 52 12.21 7.88 9.91
N CYS B 53 11.79 8.73 10.83
CA CYS B 53 12.36 10.05 11.00
C CYS B 53 13.43 10.00 12.09
N CYS B 54 14.39 10.91 11.96
CA CYS B 54 15.60 10.86 12.77
C CYS B 54 16.08 12.27 13.09
N THR B 55 16.96 12.36 14.10
CA THR B 55 17.25 13.64 14.73
C THR B 55 18.71 14.07 14.72
N THR B 56 19.66 13.19 14.36
CA THR B 56 21.07 13.55 14.35
C THR B 56 21.61 13.48 12.92
N ASP B 57 22.82 14.00 12.74
CA ASP B 57 23.40 14.09 11.41
C ASP B 57 23.76 12.72 10.86
N LYS B 58 23.41 12.50 9.59
CA LYS B 58 23.73 11.25 8.90
C LYS B 58 23.27 10.03 9.70
N CYS B 59 22.08 10.14 10.29
CA CYS B 59 21.51 9.05 11.06
C CYS B 59 20.41 8.29 10.32
N ASN B 60 20.00 8.76 9.14
CA ASN B 60 18.97 8.07 8.38
C ASN B 60 19.57 7.05 7.41
N ASN B 61 20.40 6.16 7.95
CA ASN B 61 21.11 5.17 7.14
C ASN B 61 20.24 3.95 6.90
N GLN C 1 -27.68 -12.14 -13.51
CA GLN C 1 -26.52 -11.22 -13.35
C GLN C 1 -25.19 -11.97 -13.46
N VAL C 2 -24.21 -11.35 -14.12
CA VAL C 2 -22.89 -11.95 -14.27
C VAL C 2 -22.15 -11.88 -12.94
N GLN C 3 -21.54 -13.00 -12.55
CA GLN C 3 -20.70 -13.07 -11.36
C GLN C 3 -19.61 -14.08 -11.64
N LEU C 4 -18.40 -13.78 -11.18
CA LEU C 4 -17.21 -14.56 -11.48
C LEU C 4 -16.88 -15.48 -10.32
N GLN C 5 -16.73 -16.78 -10.60
CA GLN C 5 -16.37 -17.77 -9.60
C GLN C 5 -14.98 -18.30 -9.88
N GLU C 6 -14.08 -18.17 -8.91
CA GLU C 6 -12.73 -18.69 -9.06
C GLU C 6 -12.59 -20.04 -8.36
N SER C 7 -11.52 -20.74 -8.70
CA SER C 7 -11.29 -22.07 -8.15
C SER C 7 -9.86 -22.49 -8.41
N GLY C 8 -9.22 -23.11 -7.42
CA GLY C 8 -7.92 -23.72 -7.63
C GLY C 8 -6.80 -23.24 -6.74
N GLY C 9 -7.10 -22.40 -5.75
CA GLY C 9 -6.07 -21.89 -4.88
C GLY C 9 -5.50 -22.96 -3.97
N GLY C 10 -4.42 -22.61 -3.27
CA GLY C 10 -3.82 -23.50 -2.29
C GLY C 10 -2.33 -23.27 -2.17
N LEU C 11 -1.67 -24.25 -1.56
CA LEU C 11 -0.23 -24.23 -1.32
C LEU C 11 0.48 -25.14 -2.32
N VAL C 12 1.53 -24.61 -2.94
CA VAL C 12 2.34 -25.32 -3.91
C VAL C 12 3.78 -25.31 -3.41
N ARG C 13 4.45 -26.45 -3.54
CA ARG C 13 5.88 -26.47 -3.26
C ARG C 13 6.63 -25.73 -4.37
N PRO C 14 7.71 -25.04 -4.04
CA PRO C 14 8.46 -24.31 -5.08
C PRO C 14 8.82 -25.21 -6.25
N GLY C 15 8.55 -24.73 -7.46
CA GLY C 15 8.76 -25.50 -8.66
C GLY C 15 7.57 -26.30 -9.13
N GLY C 16 6.53 -26.41 -8.32
CA GLY C 16 5.32 -27.09 -8.72
C GLY C 16 4.46 -26.23 -9.63
N SER C 17 3.28 -26.77 -9.94
CA SER C 17 2.34 -26.09 -10.83
C SER C 17 0.94 -26.18 -10.23
N LEU C 18 0.02 -25.43 -10.82
CA LEU C 18 -1.32 -25.29 -10.27
C LEU C 18 -2.17 -24.48 -11.22
N ARG C 19 -3.42 -24.89 -11.43
CA ARG C 19 -4.30 -24.30 -12.42
C ARG C 19 -5.48 -23.63 -11.72
N LEU C 20 -5.54 -22.31 -11.82
CA LEU C 20 -6.71 -21.55 -11.40
C LEU C 20 -7.72 -21.53 -12.55
N SER C 21 -8.98 -21.30 -12.21
CA SER C 21 -10.00 -21.19 -13.24
C SER C 21 -11.10 -20.23 -12.76
N CYS C 22 -11.70 -19.53 -13.72
CA CYS C 22 -12.71 -18.52 -13.45
C CYS C 22 -13.90 -18.80 -14.35
N ALA C 23 -15.04 -19.12 -13.74
CA ALA C 23 -16.27 -19.42 -14.45
C ALA C 23 -17.19 -18.21 -14.35
N VAL C 24 -17.58 -17.67 -15.51
CA VAL C 24 -18.43 -16.51 -15.59
C VAL C 24 -19.89 -16.93 -15.51
N SER C 25 -20.46 -16.93 -14.30
CA SER C 25 -21.90 -17.07 -14.19
C SER C 25 -22.57 -15.89 -14.89
N GLY C 26 -23.89 -15.95 -14.99
CA GLY C 26 -24.58 -15.02 -15.87
C GLY C 26 -24.14 -15.27 -17.30
N VAL C 27 -24.67 -14.49 -18.25
CA VAL C 27 -24.52 -14.80 -19.67
C VAL C 27 -24.63 -16.32 -19.84
N SER C 28 -25.51 -16.94 -19.04
CA SER C 28 -25.66 -18.39 -19.08
C SER C 28 -26.13 -18.88 -20.43
N GLU C 29 -26.60 -17.98 -21.29
CA GLU C 29 -26.84 -18.30 -22.69
C GLU C 29 -25.59 -18.84 -23.37
N SER C 30 -24.40 -18.65 -22.76
CA SER C 30 -23.13 -19.08 -23.31
C SER C 30 -22.72 -18.26 -24.53
N ILE C 31 -23.08 -16.98 -24.53
CA ILE C 31 -22.64 -16.03 -25.56
C ILE C 31 -21.81 -14.95 -24.87
N PHE C 32 -20.82 -15.36 -24.09
CA PHE C 32 -19.90 -14.45 -23.45
C PHE C 32 -18.56 -14.37 -24.18
N ALA C 33 -18.50 -14.87 -25.41
CA ALA C 33 -17.25 -15.11 -26.11
C ALA C 33 -16.20 -14.03 -25.89
N ASN C 34 -16.61 -12.76 -25.96
CA ASN C 34 -15.65 -11.67 -26.07
C ASN C 34 -15.42 -10.93 -24.77
N TYR C 35 -16.02 -11.38 -23.68
CA TYR C 35 -15.60 -10.93 -22.36
C TYR C 35 -14.08 -10.99 -22.27
N VAL C 36 -13.45 -9.83 -22.13
CA VAL C 36 -12.01 -9.79 -21.89
C VAL C 36 -11.81 -10.22 -20.44
N VAL C 37 -11.46 -11.48 -20.23
CA VAL C 37 -11.33 -12.03 -18.88
C VAL C 37 -9.88 -11.90 -18.46
N GLY C 38 -9.66 -11.18 -17.36
CA GLY C 38 -8.33 -10.90 -16.86
C GLY C 38 -8.06 -11.62 -15.55
N TRP C 39 -6.80 -11.97 -15.36
CA TRP C 39 -6.28 -12.52 -14.12
C TRP C 39 -5.30 -11.50 -13.56
N PHE C 40 -5.58 -11.03 -12.34
CA PHE C 40 -4.77 -10.07 -11.62
C PHE C 40 -4.18 -10.72 -10.37
N ARG C 41 -2.98 -10.28 -9.99
CA ARG C 41 -2.30 -10.77 -8.80
C ARG C 41 -2.15 -9.62 -7.81
N GLN C 42 -2.65 -9.82 -6.60
CA GLN C 42 -2.53 -8.86 -5.51
C GLN C 42 -1.58 -9.46 -4.47
N GLN C 43 -0.43 -8.82 -4.29
CA GLN C 43 0.57 -9.25 -3.31
C GLN C 43 0.42 -8.51 -1.98
N ASP C 44 -0.81 -8.26 -1.55
CA ASP C 44 -1.07 -7.61 -0.26
C ASP C 44 -0.49 -6.20 -0.30
N SER C 45 -0.02 -5.70 0.86
CA SER C 45 0.52 -4.35 0.96
C SER C 45 1.37 -3.98 -0.25
N GLY C 46 2.29 -4.87 -0.63
CA GLY C 46 3.05 -4.67 -1.84
C GLY C 46 2.17 -4.75 -3.05
N THR C 47 1.96 -3.62 -3.74
CA THR C 47 1.20 -3.51 -4.97
C THR C 47 -0.29 -3.76 -4.75
N GLY C 48 -1.12 -3.14 -5.60
CA GLY C 48 -2.54 -3.42 -5.63
C GLY C 48 -2.81 -4.67 -6.44
N ARG C 49 -3.56 -4.53 -7.52
CA ARG C 49 -3.90 -5.66 -8.40
C ARG C 49 -3.10 -5.53 -9.70
N ASP C 50 -2.15 -6.44 -9.89
CA ASP C 50 -1.30 -6.45 -11.08
C ASP C 50 -1.90 -7.38 -12.13
N LEU C 51 -2.11 -6.87 -13.35
CA LEU C 51 -2.59 -7.70 -14.43
C LEU C 51 -1.52 -8.72 -14.81
N VAL C 52 -1.84 -10.01 -14.66
CA VAL C 52 -0.92 -11.07 -15.04
C VAL C 52 -1.30 -11.69 -16.38
N ALA C 53 -2.60 -11.81 -16.68
CA ALA C 53 -2.98 -12.38 -17.96
C ALA C 53 -4.30 -11.81 -18.41
N GLN C 54 -4.48 -11.71 -19.73
CA GLN C 54 -5.73 -11.22 -20.31
C GLN C 54 -6.11 -12.10 -21.48
N SER C 55 -7.38 -12.52 -21.52
CA SER C 55 -7.87 -13.48 -22.48
C SER C 55 -9.05 -12.89 -23.23
N SER C 56 -8.90 -12.75 -24.55
CA SER C 56 -9.97 -12.25 -25.42
C SER C 56 -9.85 -12.91 -26.79
N SER C 57 -10.94 -12.80 -27.56
CA SER C 57 -10.90 -13.22 -28.95
C SER C 57 -9.98 -12.33 -29.77
N ASP C 58 -9.94 -11.04 -29.47
CA ASP C 58 -9.10 -10.10 -30.20
C ASP C 58 -7.64 -10.28 -29.77
N ASP C 59 -6.78 -10.59 -30.73
CA ASP C 59 -5.38 -10.86 -30.42
C ASP C 59 -4.78 -9.76 -29.55
N GLU C 60 -4.90 -8.51 -29.99
CA GLU C 60 -4.26 -7.41 -29.28
C GLU C 60 -4.70 -7.35 -27.83
N TYR C 61 -5.85 -7.94 -27.48
CA TYR C 61 -6.33 -7.99 -26.11
C TYR C 61 -6.31 -9.44 -25.58
N ASN C 62 -5.36 -10.25 -26.06
CA ASN C 62 -5.15 -11.62 -25.59
C ASN C 62 -3.65 -11.83 -25.51
N HIS C 63 -3.10 -11.76 -24.30
CA HIS C 63 -1.65 -11.86 -24.11
C HIS C 63 -1.37 -12.18 -22.64
N VAL C 64 -0.10 -12.38 -22.33
CA VAL C 64 0.37 -12.63 -20.97
C VAL C 64 1.43 -11.59 -20.62
N SER C 65 1.52 -11.27 -19.33
CA SER C 65 2.53 -10.33 -18.86
C SER C 65 3.93 -10.90 -19.04
N GLY C 66 4.88 -10.01 -19.38
CA GLY C 66 6.24 -10.47 -19.65
C GLY C 66 6.92 -11.11 -18.47
N SER C 67 6.52 -10.74 -17.24
CA SER C 67 7.19 -11.28 -16.07
C SER C 67 7.00 -12.79 -15.97
N VAL C 68 5.78 -13.27 -16.24
CA VAL C 68 5.47 -14.69 -16.15
C VAL C 68 5.47 -15.39 -17.50
N LYS C 69 5.79 -14.68 -18.58
CA LYS C 69 5.79 -15.29 -19.90
C LYS C 69 6.63 -16.57 -19.89
N GLY C 70 6.07 -17.64 -20.45
CA GLY C 70 6.73 -18.92 -20.50
C GLY C 70 6.40 -19.85 -19.35
N ARG C 71 5.97 -19.32 -18.21
CA ARG C 71 5.59 -20.12 -17.06
C ARG C 71 4.07 -20.24 -16.91
N PHE C 72 3.35 -19.15 -17.17
CA PHE C 72 1.89 -19.13 -17.06
C PHE C 72 1.28 -19.23 -18.45
N THR C 73 0.11 -19.87 -18.53
CA THR C 73 -0.60 -20.01 -19.79
C THR C 73 -2.09 -19.99 -19.53
N ILE C 74 -2.82 -19.30 -20.40
CA ILE C 74 -4.27 -19.17 -20.26
C ILE C 74 -4.95 -20.09 -21.24
N SER C 75 -6.11 -20.60 -20.84
CA SER C 75 -6.95 -21.45 -21.67
C SER C 75 -8.39 -20.98 -21.54
N ARG C 76 -9.22 -21.35 -22.51
CA ARG C 76 -10.61 -20.90 -22.55
C ARG C 76 -11.53 -22.00 -23.04
N ASP C 77 -12.63 -22.21 -22.33
CA ASP C 77 -13.72 -23.06 -22.81
C ASP C 77 -14.96 -22.17 -22.89
N ASN C 78 -15.02 -21.36 -23.96
CA ASN C 78 -16.11 -20.40 -24.12
C ASN C 78 -17.48 -21.06 -23.96
N ALA C 79 -17.61 -22.31 -24.38
CA ALA C 79 -18.89 -22.99 -24.23
C ALA C 79 -19.25 -23.20 -22.77
N LYS C 80 -18.29 -23.70 -21.98
CA LYS C 80 -18.49 -23.93 -20.55
C LYS C 80 -18.41 -22.66 -19.73
N ASN C 81 -18.02 -21.54 -20.33
CA ASN C 81 -17.86 -20.27 -19.63
C ASN C 81 -16.83 -20.41 -18.51
N THR C 82 -15.59 -20.70 -18.93
CA THR C 82 -14.46 -20.76 -18.02
C THR C 82 -13.21 -20.25 -18.71
N VAL C 83 -12.38 -19.56 -17.94
CA VAL C 83 -11.07 -19.05 -18.35
C VAL C 83 -10.07 -19.54 -17.31
N SER C 84 -9.18 -20.44 -17.71
CA SER C 84 -8.24 -21.05 -16.79
C SER C 84 -6.86 -20.43 -16.96
N LEU C 85 -6.12 -20.41 -15.86
CA LEU C 85 -4.74 -19.90 -15.81
C LEU C 85 -3.89 -21.00 -15.19
N GLN C 86 -3.12 -21.69 -16.02
CA GLN C 86 -2.21 -22.74 -15.56
C GLN C 86 -0.86 -22.10 -15.26
N MET C 87 -0.32 -22.40 -14.08
CA MET C 87 0.92 -21.80 -13.60
C MET C 87 1.92 -22.91 -13.35
N ASP C 88 3.00 -22.90 -14.12
CA ASP C 88 4.06 -23.90 -13.99
C ASP C 88 5.32 -23.24 -13.45
N ASN C 89 6.22 -24.07 -12.92
CA ASN C 89 7.45 -23.60 -12.29
C ASN C 89 7.17 -22.45 -11.33
N LEU C 90 6.20 -22.67 -10.45
CA LEU C 90 5.79 -21.63 -9.52
C LEU C 90 6.92 -21.31 -8.54
N LYS C 91 7.25 -20.03 -8.42
CA LYS C 91 8.28 -19.54 -7.53
C LYS C 91 7.65 -18.93 -6.28
N PRO C 92 8.38 -18.88 -5.17
CA PRO C 92 7.86 -18.17 -3.99
C PRO C 92 7.40 -16.76 -4.30
N GLU C 93 8.05 -16.07 -5.23
CA GLU C 93 7.64 -14.72 -5.59
C GLU C 93 6.26 -14.68 -6.21
N ASP C 94 5.67 -15.83 -6.55
CA ASP C 94 4.32 -15.89 -7.11
C ASP C 94 3.25 -16.02 -6.03
N THR C 95 3.63 -16.01 -4.75
CA THR C 95 2.65 -16.06 -3.68
C THR C 95 1.82 -14.78 -3.69
N ALA C 96 0.50 -14.92 -3.78
CA ALA C 96 -0.39 -13.76 -3.90
C ALA C 96 -1.83 -14.25 -3.96
N ILE C 97 -2.76 -13.30 -3.93
CA ILE C 97 -4.17 -13.59 -4.19
C ILE C 97 -4.43 -13.29 -5.66
N TYR C 98 -4.94 -14.28 -6.39
CA TYR C 98 -5.26 -14.12 -7.81
C TYR C 98 -6.76 -13.93 -7.97
N ILE C 99 -7.13 -12.85 -8.66
CA ILE C 99 -8.51 -12.42 -8.79
C ILE C 99 -8.87 -12.43 -10.27
N CYS C 100 -10.13 -12.76 -10.56
CA CYS C 100 -10.65 -12.78 -11.92
C CYS C 100 -11.50 -11.54 -12.16
N ALA C 101 -11.47 -11.05 -13.39
CA ALA C 101 -12.27 -9.90 -13.77
C ALA C 101 -12.70 -10.07 -15.22
N ALA C 102 -13.80 -9.42 -15.58
CA ALA C 102 -14.34 -9.55 -16.93
C ALA C 102 -14.82 -8.21 -17.45
N ALA C 103 -14.38 -7.86 -18.66
CA ALA C 103 -14.88 -6.68 -19.35
C ALA C 103 -15.87 -7.11 -20.43
N ILE C 104 -16.93 -6.30 -20.61
CA ILE C 104 -18.00 -6.68 -21.53
C ILE C 104 -17.48 -6.86 -22.95
N GLY C 105 -16.44 -6.12 -23.33
CA GLY C 105 -15.89 -6.24 -24.66
C GLY C 105 -14.50 -5.66 -24.78
N PRO C 106 -13.81 -5.98 -25.87
CA PRO C 106 -12.42 -5.51 -26.04
C PRO C 106 -12.35 -3.99 -26.03
N GLY C 107 -11.54 -3.46 -25.10
CA GLY C 107 -11.37 -2.04 -24.94
C GLY C 107 -12.21 -1.43 -23.83
N ASP C 108 -13.25 -2.12 -23.39
CA ASP C 108 -14.07 -1.63 -22.30
C ASP C 108 -13.40 -1.96 -20.97
N ASN C 109 -13.87 -1.30 -19.91
CA ASN C 109 -13.25 -1.43 -18.60
C ASN C 109 -13.67 -2.72 -17.92
N TYR C 110 -12.77 -3.25 -17.09
CA TYR C 110 -13.09 -4.38 -16.21
C TYR C 110 -14.12 -3.92 -15.20
N ILE C 111 -15.39 -4.19 -15.46
CA ILE C 111 -16.45 -3.81 -14.53
C ILE C 111 -16.89 -4.96 -13.63
N TYR C 112 -16.55 -6.20 -13.97
CA TYR C 112 -16.88 -7.36 -13.16
C TYR C 112 -15.64 -7.86 -12.43
N TRP C 113 -15.85 -8.36 -11.21
CA TRP C 113 -14.75 -8.74 -10.34
C TRP C 113 -15.11 -9.97 -9.53
N GLY C 114 -14.09 -10.78 -9.25
CA GLY C 114 -14.25 -12.03 -8.54
C GLY C 114 -13.76 -11.92 -7.11
N GLN C 115 -14.03 -12.99 -6.35
CA GLN C 115 -13.68 -12.99 -4.92
C GLN C 115 -12.18 -13.05 -4.71
N GLY C 116 -11.50 -13.93 -5.44
CA GLY C 116 -10.07 -14.09 -5.29
C GLY C 116 -9.72 -15.42 -4.64
N THR C 117 -8.55 -15.94 -5.01
CA THR C 117 -8.08 -17.23 -4.49
C THR C 117 -6.60 -17.11 -4.16
N GLN C 118 -6.22 -17.60 -2.98
CA GLN C 118 -4.83 -17.47 -2.52
C GLN C 118 -3.98 -18.57 -3.13
N VAL C 119 -2.76 -18.21 -3.54
CA VAL C 119 -1.75 -19.15 -4.00
C VAL C 119 -0.50 -18.87 -3.18
N THR C 120 0.02 -19.91 -2.52
CA THR C 120 1.19 -19.77 -1.64
C THR C 120 2.27 -20.75 -2.07
N VAL C 121 3.45 -20.21 -2.37
CA VAL C 121 4.62 -21.02 -2.75
C VAL C 121 5.72 -20.71 -1.75
N SER C 122 6.13 -21.71 -0.98
CA SER C 122 7.06 -21.45 0.11
C SER C 122 7.95 -22.62 0.49
N SER C 123 7.40 -23.84 0.48
CA SER C 123 8.06 -25.06 0.94
C SER C 123 8.09 -25.15 2.47
N GLU C 124 7.54 -24.17 3.18
CA GLU C 124 7.59 -24.17 4.64
C GLU C 124 6.42 -24.97 5.21
N ASN C 125 6.58 -25.36 6.48
CA ASN C 125 5.54 -26.10 7.17
C ASN C 125 4.26 -25.27 7.28
N LEU C 126 3.12 -25.91 7.05
CA LEU C 126 1.82 -25.36 7.41
C LEU C 126 1.30 -26.15 8.61
N TYR C 127 0.96 -25.42 9.68
CA TYR C 127 0.37 -26.03 10.87
C TYR C 127 -1.15 -25.91 10.84
N LEU D 1 -14.94 7.34 -7.06
CA LEU D 1 -13.61 7.48 -6.43
C LEU D 1 -12.77 8.57 -7.07
N GLU D 2 -11.61 8.80 -6.49
CA GLU D 2 -10.64 9.80 -6.94
C GLU D 2 -9.40 9.07 -7.44
N CYS D 3 -8.84 9.51 -8.57
CA CYS D 3 -7.66 8.85 -9.09
C CYS D 3 -6.71 9.86 -9.72
N HIS D 4 -5.42 9.54 -9.68
CA HIS D 4 -4.43 10.37 -10.33
C HIS D 4 -4.58 10.24 -11.85
N ASN D 5 -4.00 11.21 -12.58
CA ASN D 5 -4.11 11.20 -14.03
C ASN D 5 -2.89 11.78 -14.73
N GLN D 6 -1.99 12.43 -13.97
CA GLN D 6 -0.75 12.93 -14.55
C GLN D 6 -0.01 11.81 -15.26
N GLN D 7 0.79 12.20 -16.27
CA GLN D 7 1.52 11.26 -17.10
C GLN D 7 2.96 11.14 -16.59
N SER D 8 3.38 9.91 -16.30
CA SER D 8 4.76 9.59 -15.91
C SER D 8 5.12 10.43 -14.69
N SER D 9 6.26 11.11 -14.67
CA SER D 9 6.71 11.86 -13.49
C SER D 9 6.33 13.33 -13.58
N GLN D 10 5.16 13.62 -14.14
CA GLN D 10 4.59 14.95 -14.03
C GLN D 10 4.01 15.12 -12.62
N PRO D 11 3.81 16.35 -12.16
CA PRO D 11 3.41 16.55 -10.77
C PRO D 11 2.07 15.91 -10.51
N PRO D 12 1.84 15.34 -9.34
CA PRO D 12 0.58 14.62 -9.10
C PRO D 12 -0.62 15.53 -9.27
N THR D 13 -1.52 15.13 -10.15
CA THR D 13 -2.82 15.78 -10.35
C THR D 13 -3.90 14.74 -10.12
N THR D 14 -5.13 15.21 -9.95
CA THR D 14 -6.24 14.33 -9.63
C THR D 14 -7.38 14.51 -10.63
N LYS D 15 -8.20 13.48 -10.74
CA LYS D 15 -9.40 13.47 -11.55
C LYS D 15 -10.46 12.71 -10.76
N THR D 16 -11.63 13.32 -10.62
CA THR D 16 -12.73 12.78 -9.85
C THR D 16 -13.73 12.11 -10.79
N CYS D 17 -13.97 10.82 -10.55
CA CYS D 17 -14.91 10.04 -11.36
C CYS D 17 -15.98 9.45 -10.46
N PRO D 18 -17.14 10.09 -10.34
CA PRO D 18 -18.17 9.57 -9.41
C PRO D 18 -18.58 8.14 -9.75
N GLY D 19 -18.67 7.31 -8.71
CA GLY D 19 -19.18 5.97 -8.85
C GLY D 19 -18.14 4.94 -9.27
N GLU D 20 -17.12 5.38 -10.00
CA GLU D 20 -16.12 4.45 -10.53
C GLU D 20 -15.23 3.97 -9.38
N THR D 21 -15.37 2.70 -9.03
CA THR D 21 -14.73 2.14 -7.84
C THR D 21 -13.31 1.67 -8.08
N ASN D 22 -12.76 1.86 -9.27
CA ASN D 22 -11.38 1.46 -9.56
C ASN D 22 -10.58 2.63 -10.12
N CYS D 23 -9.26 2.46 -10.09
CA CYS D 23 -8.30 3.37 -10.69
C CYS D 23 -7.25 2.50 -11.37
N TYR D 24 -6.48 3.09 -12.29
CA TYR D 24 -5.55 2.31 -13.08
C TYR D 24 -4.26 3.07 -13.33
N LYS D 25 -3.18 2.31 -13.47
CA LYS D 25 -1.86 2.82 -13.86
C LYS D 25 -1.32 1.91 -14.96
N LYS D 26 -1.21 2.45 -16.17
CA LYS D 26 -0.68 1.74 -17.32
C LYS D 26 0.75 2.21 -17.58
N VAL D 27 1.63 1.26 -17.91
CA VAL D 27 3.03 1.56 -18.21
C VAL D 27 3.40 0.85 -19.50
N TRP D 28 3.95 1.61 -20.46
CA TRP D 28 4.52 0.96 -21.65
C TRP D 28 5.92 1.51 -21.92
N ARG D 29 6.69 0.67 -22.61
CA ARG D 29 8.07 0.99 -23.02
C ARG D 29 8.37 2.11 -23.87
N ASP D 30 7.93 1.99 -25.08
CA ASP D 30 8.01 3.03 -26.10
C ASP D 30 9.46 3.44 -26.41
N HIS D 31 9.61 4.29 -27.43
CA HIS D 31 10.94 4.75 -27.82
C HIS D 31 11.55 5.68 -26.79
N ARG D 32 10.72 6.52 -26.16
CA ARG D 32 11.19 7.63 -25.33
C ARG D 32 11.17 7.30 -23.85
N GLY D 33 11.59 6.10 -23.47
CA GLY D 33 11.64 5.71 -22.09
C GLY D 33 10.28 5.32 -21.54
N THR D 34 10.30 4.80 -20.31
CA THR D 34 9.10 4.28 -19.68
C THR D 34 8.02 5.35 -19.55
N ILE D 35 6.94 5.22 -20.33
CA ILE D 35 5.79 6.13 -20.24
C ILE D 35 4.73 5.51 -19.35
N ILE D 36 4.02 6.38 -18.62
CA ILE D 36 3.02 5.97 -17.64
C ILE D 36 1.78 6.84 -17.85
N GLU D 37 0.61 6.19 -17.89
CA GLU D 37 -0.67 6.87 -18.03
C GLU D 37 -1.59 6.37 -16.93
N ARG D 38 -2.05 7.28 -16.07
CA ARG D 38 -2.92 6.94 -14.95
C ARG D 38 -4.32 7.48 -15.20
N GLY D 39 -5.31 6.81 -14.65
CA GLY D 39 -6.67 7.28 -14.80
C GLY D 39 -7.68 6.49 -14.01
N CYS D 40 -8.95 6.67 -14.39
CA CYS D 40 -10.07 6.09 -13.68
C CYS D 40 -10.47 4.74 -14.27
N GLY D 41 -11.05 3.89 -13.42
CA GLY D 41 -11.50 2.58 -13.87
C GLY D 41 -10.35 1.61 -14.05
N CYS D 42 -10.72 0.39 -14.44
CA CYS D 42 -9.75 -0.68 -14.70
C CYS D 42 -9.88 -1.12 -16.15
N PRO D 43 -9.01 -0.66 -17.05
CA PRO D 43 -9.22 -0.93 -18.48
C PRO D 43 -8.48 -2.15 -19.00
N THR D 44 -9.14 -2.86 -19.90
CA THR D 44 -8.46 -3.84 -20.74
C THR D 44 -7.39 -3.15 -21.57
N VAL D 45 -6.31 -3.86 -21.86
CA VAL D 45 -5.08 -3.26 -22.36
C VAL D 45 -4.53 -4.08 -23.52
N LYS D 46 -3.89 -3.38 -24.48
CA LYS D 46 -3.31 -3.98 -25.69
C LYS D 46 -2.10 -4.81 -25.24
N PRO D 47 -1.28 -5.35 -26.15
CA PRO D 47 -0.14 -6.15 -25.71
C PRO D 47 1.04 -5.27 -25.30
N GLY D 48 1.74 -5.69 -24.26
CA GLY D 48 2.95 -5.01 -23.83
C GLY D 48 2.76 -3.81 -22.93
N ILE D 49 1.75 -3.83 -22.06
CA ILE D 49 1.49 -2.76 -21.11
C ILE D 49 1.35 -3.36 -19.73
N LYS D 50 2.13 -2.86 -18.79
CA LYS D 50 2.01 -3.22 -17.38
C LYS D 50 0.83 -2.44 -16.83
N LEU D 51 -0.31 -3.12 -16.69
CA LEU D 51 -1.51 -2.55 -16.11
C LEU D 51 -1.58 -2.92 -14.63
N ASN D 52 -1.93 -1.95 -13.79
CA ASN D 52 -2.19 -2.24 -12.38
C ASN D 52 -3.38 -1.39 -11.94
N CYS D 53 -4.49 -2.05 -11.62
CA CYS D 53 -5.67 -1.39 -11.09
C CYS D 53 -5.70 -1.52 -9.58
N CYS D 54 -6.34 -0.55 -8.93
CA CYS D 54 -6.38 -0.46 -7.48
C CYS D 54 -7.72 0.15 -7.11
N THR D 55 -8.09 0.05 -5.82
CA THR D 55 -9.47 0.23 -5.41
C THR D 55 -9.72 1.39 -4.46
N THR D 56 -8.69 2.09 -4.01
CA THR D 56 -8.87 3.21 -3.08
C THR D 56 -8.50 4.53 -3.76
N ASP D 57 -8.83 5.64 -3.10
CA ASP D 57 -8.64 6.96 -3.69
C ASP D 57 -7.14 7.27 -3.83
N LYS D 58 -6.75 7.80 -4.99
CA LYS D 58 -5.35 8.11 -5.31
C LYS D 58 -4.43 6.93 -5.03
N CYS D 59 -4.82 5.76 -5.47
CA CYS D 59 -3.98 4.59 -5.25
C CYS D 59 -3.13 4.24 -6.46
N ASN D 60 -3.36 4.87 -7.61
CA ASN D 60 -2.59 4.60 -8.81
C ASN D 60 -1.41 5.57 -8.93
N ASN D 61 -0.59 5.57 -7.90
CA ASN D 61 0.55 6.49 -7.82
C ASN D 61 1.74 5.96 -8.61
NI NI E . -11.43 7.72 1.08
NI NI F . 6.78 -10.96 22.46
NI NI G . 12.59 0.99 13.62
NI NI H . -5.95 2.02 5.40
NI NI I . -9.98 5.26 2.78
NI NI J . -1.43 13.71 -3.44
NI NI K . 26.32 7.02 7.62
NI NI L . 25.02 19.57 12.35
NI NI M . 24.42 24.68 9.12
NI NI N . 3.09 -4.88 -8.96
NI NI O . -8.21 -1.82 -31.26
NI NI P . -3.77 -13.12 -35.11
NI NI Q . 12.83 -16.81 -5.63
NI NI R . -18.76 -0.01 -21.11
NI NI S . -0.86 10.28 -4.41
NI NI T . -15.88 0.78 -13.12
#